data_7TA3
#
_entry.id   7TA3
#
_cell.length_a   86.560
_cell.length_b   86.560
_cell.length_c   143.730
_cell.angle_alpha   90.000
_cell.angle_beta   90.000
_cell.angle_gamma   90.000
#
_symmetry.space_group_name_H-M   'P 43 21 2'
#
loop_
_entity.id
_entity.type
_entity.pdbx_description
1 polymer Alpha-peptide-3
2 polymer 'Tumor necrosis factor'
3 water water
#
loop_
_entity_poly.entity_id
_entity_poly.type
_entity_poly.pdbx_seq_one_letter_code
_entity_poly.pdbx_strand_id
1 'polypeptide(L)' ECGWRIGEAGTDPNLNHQQFRAKILSIWEEC(NH2) A,C
2 'polypeptide(L)'
;SVRSSSRTPSDKPVAHVVANPQAEGQLQWLNRRANALLANGVELRDNQLVVPSEGLYLIYSQVLFKGQGCPSTHVLLTHT
ISRIAVSYQTKVNLLSAIKSPCQRETPEGAEAKPWYEPIYLGGVFQLEKGDRLSAEINRPDYLDFAESGQVYFGIIAL
;
B,D
#
loop_
_chem_comp.id
_chem_comp.type
_chem_comp.name
_chem_comp.formula
NH2 non-polymer 'AMINO GROUP' 'H2 N'
#
# COMPACT_ATOMS: atom_id res chain seq x y z
N GLU A 1 15.33 -15.41 -17.55
CA GLU A 1 14.73 -14.68 -16.40
C GLU A 1 13.47 -15.40 -15.91
N CYS A 2 13.20 -15.26 -14.62
CA CYS A 2 12.02 -15.89 -14.04
C CYS A 2 10.74 -15.16 -14.42
N GLY A 3 10.80 -13.83 -14.57
CA GLY A 3 9.62 -13.11 -15.02
C GLY A 3 9.13 -13.59 -16.38
N TRP A 4 10.05 -13.79 -17.31
CA TRP A 4 9.67 -14.22 -18.65
C TRP A 4 9.29 -15.69 -18.70
N ARG A 5 9.76 -16.51 -17.76
CA ARG A 5 9.30 -17.89 -17.70
C ARG A 5 7.85 -17.94 -17.25
N ILE A 6 7.48 -17.12 -16.27
CA ILE A 6 6.09 -16.99 -15.85
C ILE A 6 5.22 -16.59 -17.04
N GLY A 7 5.68 -15.62 -17.83
CA GLY A 7 4.90 -15.16 -18.95
C GLY A 7 4.69 -16.24 -20.00
N GLU A 8 5.75 -16.98 -20.35
CA GLU A 8 5.62 -18.05 -21.33
C GLU A 8 4.62 -19.10 -20.87
N ALA A 9 4.65 -19.46 -19.58
CA ALA A 9 3.67 -20.41 -19.07
C ALA A 9 2.26 -19.85 -19.18
N GLY A 10 2.09 -18.55 -18.95
CA GLY A 10 0.77 -17.95 -19.04
C GLY A 10 0.20 -17.96 -20.44
N THR A 11 1.06 -17.98 -21.46
CA THR A 11 0.63 -17.99 -22.85
C THR A 11 0.82 -19.35 -23.50
N ASP A 12 1.05 -20.40 -22.71
CA ASP A 12 1.20 -21.75 -23.22
C ASP A 12 -0.18 -22.37 -23.43
N PRO A 13 -0.59 -22.66 -24.67
CA PRO A 13 -1.94 -23.18 -24.88
C PRO A 13 -2.15 -24.58 -24.34
N ASN A 14 -1.09 -25.36 -24.17
CA ASN A 14 -1.20 -26.75 -23.74
C ASN A 14 -1.22 -26.89 -22.22
N LEU A 15 -1.51 -25.81 -21.49
CA LEU A 15 -1.64 -25.85 -20.04
C LEU A 15 -3.07 -25.47 -19.67
N ASN A 16 -3.82 -26.43 -19.13
CA ASN A 16 -5.10 -26.10 -18.52
C ASN A 16 -4.88 -25.49 -17.14
N HIS A 17 -5.96 -25.01 -16.53
CA HIS A 17 -5.81 -24.29 -15.26
C HIS A 17 -5.16 -25.15 -14.19
N GLN A 18 -5.25 -26.48 -14.29
CA GLN A 18 -4.53 -27.34 -13.36
C GLN A 18 -3.04 -27.36 -13.69
N GLN A 19 -2.70 -27.76 -14.92
CA GLN A 19 -1.29 -27.89 -15.30
C GLN A 19 -0.57 -26.55 -15.21
N PHE A 20 -1.24 -25.47 -15.59
CA PHE A 20 -0.62 -24.15 -15.52
C PHE A 20 -0.22 -23.83 -14.08
N ARG A 21 -1.09 -24.16 -13.11
CA ARG A 21 -0.77 -23.91 -11.72
C ARG A 21 0.48 -24.67 -11.29
N ALA A 22 0.57 -25.95 -11.65
CA ALA A 22 1.74 -26.74 -11.28
C ALA A 22 2.99 -26.18 -11.94
N LYS A 23 2.87 -25.72 -13.19
CA LYS A 23 4.02 -25.16 -13.89
C LYS A 23 4.56 -23.95 -13.15
N ILE A 24 3.68 -23.03 -12.76
CA ILE A 24 4.12 -21.80 -12.12
C ILE A 24 4.80 -22.10 -10.79
N LEU A 25 4.13 -22.88 -9.94
CA LEU A 25 4.72 -23.23 -8.64
C LEU A 25 6.08 -23.88 -8.81
N SER A 26 6.28 -24.63 -9.91
CA SER A 26 7.60 -25.19 -10.18
C SER A 26 8.61 -24.09 -10.51
N ILE A 27 8.21 -23.13 -11.34
CA ILE A 27 9.11 -22.03 -11.66
C ILE A 27 9.43 -21.22 -10.40
N TRP A 28 8.41 -20.93 -9.60
CA TRP A 28 8.60 -20.11 -8.41
C TRP A 28 9.52 -20.79 -7.41
N GLU A 29 9.49 -22.12 -7.34
CA GLU A 29 10.31 -22.82 -6.37
C GLU A 29 11.79 -22.56 -6.59
N GLU A 30 12.26 -22.73 -7.83
CA GLU A 30 13.66 -22.47 -8.15
C GLU A 30 13.93 -21.00 -8.45
N CYS A 31 12.92 -20.14 -8.38
CA CYS A 31 13.08 -18.72 -8.63
C CYS A 31 12.89 -17.91 -7.35
N NH2 A 32 13.35 -18.49 -6.24
HN1 NH2 A 32 13.79 -19.40 -6.28
HN2 NH2 A 32 13.26 -18.00 -5.34
N PRO B 9 -6.39 -30.27 -6.49
CA PRO B 9 -5.63 -29.31 -7.31
C PRO B 9 -6.47 -28.74 -8.45
N SER B 10 -7.44 -29.51 -8.93
CA SER B 10 -8.34 -29.03 -9.98
C SER B 10 -9.37 -28.05 -9.45
N ASP B 11 -9.51 -27.91 -8.13
CA ASP B 11 -10.42 -26.95 -7.53
C ASP B 11 -9.73 -25.74 -6.95
N LYS B 12 -8.41 -25.66 -7.02
CA LYS B 12 -7.68 -24.58 -6.38
C LYS B 12 -7.80 -23.30 -7.22
N PRO B 13 -8.03 -22.15 -6.56
CA PRO B 13 -8.13 -20.90 -7.32
C PRO B 13 -6.85 -20.61 -8.11
N VAL B 14 -7.05 -20.17 -9.35
CA VAL B 14 -5.94 -19.76 -10.21
C VAL B 14 -6.43 -18.63 -11.12
N ALA B 15 -5.59 -17.62 -11.31
CA ALA B 15 -5.91 -16.51 -12.19
C ALA B 15 -4.64 -15.99 -12.84
N HIS B 16 -4.76 -15.60 -14.11
CA HIS B 16 -3.66 -15.02 -14.86
C HIS B 16 -4.25 -14.08 -15.91
N VAL B 17 -3.98 -12.78 -15.77
CA VAL B 17 -4.53 -11.77 -16.67
C VAL B 17 -3.38 -10.95 -17.24
N VAL B 18 -3.59 -10.41 -18.44
CA VAL B 18 -2.60 -9.61 -19.13
C VAL B 18 -3.14 -8.19 -19.30
N ALA B 19 -2.24 -7.27 -19.63
CA ALA B 19 -2.61 -5.86 -19.73
C ALA B 19 -3.38 -5.58 -21.02
N ASN B 20 -4.11 -4.47 -21.03
CA ASN B 20 -4.91 -4.03 -22.16
C ASN B 20 -4.14 -2.96 -22.92
N PRO B 21 -3.57 -3.26 -24.08
CA PRO B 21 -2.81 -2.22 -24.81
C PRO B 21 -3.67 -1.06 -25.29
N GLN B 22 -4.99 -1.22 -25.36
CA GLN B 22 -5.85 -0.15 -25.85
C GLN B 22 -6.15 0.91 -24.80
N ALA B 23 -5.78 0.66 -23.54
CA ALA B 23 -5.96 1.66 -22.49
C ALA B 23 -4.86 2.70 -22.57
N GLU B 24 -5.22 3.95 -22.28
CA GLU B 24 -4.28 5.07 -22.30
C GLU B 24 -4.07 5.55 -20.87
N GLY B 25 -2.80 5.62 -20.46
CA GLY B 25 -2.48 6.11 -19.13
C GLY B 25 -2.97 5.24 -18.00
N GLN B 26 -3.15 3.95 -18.24
CA GLN B 26 -3.56 3.03 -17.20
C GLN B 26 -2.87 1.68 -17.39
N LEU B 27 -2.66 0.98 -16.29
CA LEU B 27 -2.34 -0.45 -16.31
C LEU B 27 -3.65 -1.17 -16.03
N GLN B 28 -4.39 -1.48 -17.10
CA GLN B 28 -5.70 -2.09 -16.99
C GLN B 28 -5.61 -3.54 -17.47
N TRP B 29 -6.18 -4.46 -16.68
CA TRP B 29 -6.08 -5.89 -16.96
C TRP B 29 -7.27 -6.33 -17.80
N LEU B 30 -6.97 -7.05 -18.89
CA LEU B 30 -7.98 -7.50 -19.83
C LEU B 30 -8.95 -8.48 -19.17
N ASN B 31 -10.23 -8.13 -19.16
CA ASN B 31 -11.25 -8.99 -18.59
C ASN B 31 -11.92 -9.88 -19.63
N ARG B 32 -11.56 -9.77 -20.90
CA ARG B 32 -12.13 -10.62 -21.92
C ARG B 32 -11.77 -12.09 -21.66
N ARG B 33 -12.80 -12.94 -21.58
N ARG B 33 -12.79 -12.94 -21.57
CA ARG B 33 -12.56 -14.36 -21.32
CA ARG B 33 -12.57 -14.36 -21.32
C ARG B 33 -11.61 -14.97 -22.33
C ARG B 33 -11.63 -14.98 -22.34
N ALA B 34 -11.51 -14.39 -23.53
CA ALA B 34 -10.67 -14.96 -24.58
C ALA B 34 -9.19 -14.78 -24.28
N ASN B 35 -8.82 -13.94 -23.31
CA ASN B 35 -7.41 -13.75 -22.97
C ASN B 35 -7.22 -13.46 -21.48
N ALA B 36 -8.07 -14.04 -20.64
CA ALA B 36 -7.97 -13.89 -19.19
C ALA B 36 -8.30 -15.22 -18.54
N LEU B 37 -7.44 -15.68 -17.64
CA LEU B 37 -7.66 -16.91 -16.90
C LEU B 37 -8.23 -16.57 -15.53
N LEU B 38 -9.47 -16.99 -15.27
CA LEU B 38 -10.15 -16.76 -14.00
C LEU B 38 -10.90 -18.05 -13.66
N ALA B 39 -10.21 -18.96 -12.97
CA ALA B 39 -10.69 -20.32 -12.76
C ALA B 39 -10.93 -20.58 -11.27
N ASN B 40 -11.97 -21.34 -10.99
CA ASN B 40 -12.26 -21.83 -9.63
C ASN B 40 -12.58 -20.67 -8.68
N GLY B 41 -13.32 -19.68 -9.17
CA GLY B 41 -13.88 -18.68 -8.30
C GLY B 41 -13.27 -17.29 -8.36
N VAL B 42 -11.94 -17.21 -8.43
CA VAL B 42 -11.28 -15.91 -8.49
C VAL B 42 -11.85 -15.13 -9.67
N GLU B 43 -12.01 -13.83 -9.50
CA GLU B 43 -12.64 -13.00 -10.51
C GLU B 43 -11.96 -11.64 -10.58
N LEU B 44 -12.09 -11.01 -11.74
CA LEU B 44 -11.49 -9.70 -11.99
C LEU B 44 -12.60 -8.66 -11.91
N ARG B 45 -12.57 -7.83 -10.88
CA ARG B 45 -13.57 -6.80 -10.65
C ARG B 45 -12.86 -5.50 -10.31
N ASP B 46 -13.29 -4.41 -10.95
CA ASP B 46 -12.72 -3.09 -10.70
C ASP B 46 -11.20 -3.09 -10.88
N ASN B 47 -10.73 -3.85 -11.87
CA ASN B 47 -9.30 -3.97 -12.15
C ASN B 47 -8.55 -4.64 -11.00
N GLN B 48 -9.24 -5.50 -10.26
CA GLN B 48 -8.66 -6.17 -9.10
C GLN B 48 -9.01 -7.65 -9.13
N LEU B 49 -8.05 -8.48 -8.72
CA LEU B 49 -8.32 -9.90 -8.54
C LEU B 49 -8.93 -10.11 -7.16
N VAL B 50 -10.03 -10.86 -7.11
CA VAL B 50 -10.80 -11.07 -5.89
C VAL B 50 -10.54 -12.49 -5.40
N VAL B 51 -10.10 -12.62 -4.15
CA VAL B 51 -9.80 -13.91 -3.57
C VAL B 51 -11.10 -14.61 -3.23
N PRO B 52 -11.34 -15.83 -3.75
CA PRO B 52 -12.62 -16.49 -3.46
C PRO B 52 -12.64 -17.29 -2.16
N SER B 53 -11.48 -17.67 -1.65
CA SER B 53 -11.43 -18.45 -0.42
C SER B 53 -10.13 -18.19 0.32
N GLU B 54 -10.20 -18.30 1.65
CA GLU B 54 -9.04 -18.07 2.51
C GLU B 54 -7.98 -19.13 2.25
N GLY B 55 -6.72 -18.74 2.38
CA GLY B 55 -5.62 -19.66 2.23
C GLY B 55 -4.36 -18.91 1.81
N LEU B 56 -3.31 -19.69 1.58
CA LEU B 56 -2.06 -19.14 1.09
C LEU B 56 -2.12 -19.00 -0.43
N TYR B 57 -1.61 -17.88 -0.93
CA TYR B 57 -1.61 -17.58 -2.35
C TYR B 57 -0.24 -17.08 -2.75
N LEU B 58 0.30 -17.65 -3.83
CA LEU B 58 1.41 -17.03 -4.55
C LEU B 58 0.83 -15.95 -5.45
N ILE B 59 1.29 -14.72 -5.26
CA ILE B 59 0.84 -13.58 -6.06
C ILE B 59 2.02 -13.03 -6.83
N TYR B 60 1.81 -12.69 -8.10
CA TYR B 60 2.90 -12.25 -8.97
C TYR B 60 2.38 -11.29 -10.02
N SER B 61 3.32 -10.58 -10.64
CA SER B 61 3.00 -9.56 -11.63
C SER B 61 4.30 -9.12 -12.30
N GLN B 62 4.20 -8.79 -13.58
CA GLN B 62 5.34 -8.23 -14.31
C GLN B 62 4.86 -7.09 -15.19
N VAL B 63 5.67 -6.05 -15.27
CA VAL B 63 5.41 -4.91 -16.15
C VAL B 63 6.68 -4.61 -16.93
N LEU B 64 6.50 -4.03 -18.11
CA LEU B 64 7.60 -3.74 -19.03
C LEU B 64 7.54 -2.27 -19.40
N PHE B 65 8.60 -1.54 -19.09
CA PHE B 65 8.72 -0.12 -19.41
C PHE B 65 9.71 0.06 -20.56
N LYS B 66 9.39 0.95 -21.48
CA LYS B 66 10.30 1.31 -22.54
C LYS B 66 10.26 2.81 -22.79
N GLY B 67 11.41 3.37 -23.14
CA GLY B 67 11.50 4.77 -23.48
C GLY B 67 12.50 4.97 -24.60
N GLN B 68 12.41 6.14 -25.23
CA GLN B 68 13.26 6.47 -26.37
C GLN B 68 14.52 7.23 -25.97
N GLY B 69 14.54 7.83 -24.79
CA GLY B 69 15.70 8.55 -24.34
C GLY B 69 15.68 8.73 -22.84
N CYS B 70 16.44 9.72 -22.37
CA CYS B 70 16.59 9.99 -20.95
C CYS B 70 16.35 11.45 -20.65
N PRO B 71 15.18 11.81 -20.11
CA PRO B 71 14.95 13.19 -19.68
C PRO B 71 15.93 13.59 -18.58
N SER B 72 15.97 14.89 -18.31
CA SER B 72 16.93 15.44 -17.35
C SER B 72 16.85 14.71 -16.01
N THR B 73 15.65 14.51 -15.50
CA THR B 73 15.47 13.90 -14.18
C THR B 73 15.56 12.39 -14.28
N HIS B 74 16.15 11.77 -13.24
CA HIS B 74 16.12 10.32 -13.11
C HIS B 74 14.68 9.86 -12.94
N VAL B 75 14.05 9.42 -14.03
CA VAL B 75 12.66 8.98 -13.99
C VAL B 75 12.60 7.66 -13.22
N LEU B 76 12.02 7.68 -12.03
CA LEU B 76 11.97 6.50 -11.17
C LEU B 76 10.68 5.73 -11.43
N LEU B 77 10.82 4.45 -11.76
CA LEU B 77 9.69 3.60 -12.07
C LEU B 77 9.40 2.68 -10.91
N THR B 78 8.12 2.59 -10.52
CA THR B 78 7.69 1.77 -9.41
C THR B 78 6.63 0.78 -9.87
N HIS B 79 6.56 -0.35 -9.17
CA HIS B 79 5.60 -1.41 -9.43
C HIS B 79 5.25 -2.04 -8.09
N THR B 80 3.95 -2.09 -7.77
CA THR B 80 3.52 -2.51 -6.46
C THR B 80 2.33 -3.45 -6.58
N ILE B 81 2.23 -4.37 -5.62
CA ILE B 81 1.05 -5.21 -5.43
C ILE B 81 0.54 -4.95 -4.01
N SER B 82 -0.73 -4.58 -3.92
CA SER B 82 -1.35 -4.24 -2.65
C SER B 82 -2.59 -5.09 -2.42
N ARG B 83 -3.05 -5.12 -1.18
CA ARG B 83 -4.25 -5.84 -0.80
C ARG B 83 -5.21 -4.90 -0.10
N ILE B 84 -6.50 -5.11 -0.32
CA ILE B 84 -7.55 -4.35 0.33
C ILE B 84 -8.46 -5.34 1.03
N ALA B 85 -8.47 -5.30 2.36
CA ALA B 85 -9.26 -6.22 3.15
C ALA B 85 -10.71 -6.25 2.69
N VAL B 86 -11.40 -7.37 2.94
CA VAL B 86 -12.72 -7.57 2.37
C VAL B 86 -13.74 -6.61 2.95
N SER B 87 -13.65 -6.31 4.24
CA SER B 87 -14.68 -5.54 4.94
C SER B 87 -14.23 -4.13 5.29
N TYR B 88 -13.19 -3.63 4.64
CA TYR B 88 -12.62 -2.33 4.98
C TYR B 88 -12.16 -1.65 3.70
N GLN B 89 -11.49 -0.50 3.86
CA GLN B 89 -10.94 0.24 2.73
C GLN B 89 -9.46 0.54 2.92
N THR B 90 -8.78 -0.22 3.79
CA THR B 90 -7.36 -0.03 4.04
C THR B 90 -6.58 -0.86 3.02
N LYS B 91 -5.79 -0.18 2.19
CA LYS B 91 -4.93 -0.84 1.22
C LYS B 91 -3.53 -0.96 1.81
N VAL B 92 -2.95 -2.16 1.70
CA VAL B 92 -1.66 -2.47 2.30
C VAL B 92 -0.71 -2.95 1.20
N ASN B 93 0.48 -2.36 1.15
CA ASN B 93 1.50 -2.81 0.21
C ASN B 93 2.03 -4.17 0.64
N LEU B 94 1.90 -5.15 -0.24
CA LEU B 94 2.50 -6.48 -0.05
C LEU B 94 3.83 -6.63 -0.75
N LEU B 95 3.96 -6.05 -1.95
CA LEU B 95 5.16 -6.16 -2.77
C LEU B 95 5.41 -4.82 -3.44
N SER B 96 6.69 -4.53 -3.70
CA SER B 96 7.06 -3.28 -4.34
C SER B 96 8.46 -3.38 -4.91
N ALA B 97 8.73 -2.57 -5.93
CA ALA B 97 10.02 -2.59 -6.60
C ALA B 97 10.21 -1.26 -7.33
N ILE B 98 11.43 -0.73 -7.27
CA ILE B 98 11.78 0.53 -7.92
C ILE B 98 12.92 0.26 -8.90
N LYS B 99 12.95 1.05 -9.98
CA LYS B 99 14.01 0.97 -10.98
C LYS B 99 14.33 2.38 -11.46
N SER B 100 15.49 2.54 -12.08
CA SER B 100 15.93 3.81 -12.63
C SER B 100 16.38 3.58 -14.06
N PRO B 101 15.47 3.66 -15.03
CA PRO B 101 15.86 3.45 -16.43
C PRO B 101 17.05 4.29 -16.89
N CYS B 102 17.23 5.48 -16.31
CA CYS B 102 18.26 6.41 -16.75
C CYS B 102 19.15 6.79 -15.58
N GLN B 103 20.43 7.00 -15.88
CA GLN B 103 21.41 7.35 -14.86
C GLN B 103 22.03 8.72 -15.14
N ALA B 112 19.42 9.61 -25.73
CA ALA B 112 19.07 9.36 -27.12
C ALA B 112 18.85 7.87 -27.36
N LYS B 113 19.41 7.06 -26.49
CA LYS B 113 19.33 5.61 -26.65
C LYS B 113 18.06 5.06 -26.01
N PRO B 114 17.28 4.25 -26.75
CA PRO B 114 16.11 3.62 -26.12
C PRO B 114 16.53 2.79 -24.91
N TRP B 115 15.60 2.62 -23.98
CA TRP B 115 15.83 1.85 -22.78
C TRP B 115 14.66 0.92 -22.52
N TYR B 116 14.90 -0.10 -21.68
CA TYR B 116 13.90 -1.13 -21.40
C TYR B 116 14.10 -1.58 -19.96
N GLU B 117 13.10 -1.34 -19.11
CA GLU B 117 13.17 -1.68 -17.71
C GLU B 117 12.04 -2.66 -17.36
N PRO B 118 12.32 -3.95 -17.25
CA PRO B 118 11.32 -4.89 -16.72
C PRO B 118 11.36 -4.93 -15.20
N ILE B 119 10.16 -5.02 -14.61
CA ILE B 119 10.02 -5.11 -13.16
C ILE B 119 9.02 -6.23 -12.87
N TYR B 120 9.49 -7.30 -12.22
CA TYR B 120 8.66 -8.43 -11.83
C TYR B 120 8.51 -8.45 -10.32
N LEU B 121 7.38 -8.99 -9.85
CA LEU B 121 7.07 -9.07 -8.43
C LEU B 121 6.49 -10.45 -8.12
N GLY B 122 6.74 -10.92 -6.90
CA GLY B 122 6.26 -12.23 -6.50
C GLY B 122 6.43 -12.55 -5.03
N GLY B 123 5.55 -13.41 -4.51
CA GLY B 123 5.61 -13.79 -3.11
C GLY B 123 4.36 -14.49 -2.64
N VAL B 124 4.47 -15.32 -1.59
CA VAL B 124 3.32 -16.01 -1.01
C VAL B 124 2.86 -15.24 0.22
N PHE B 125 1.55 -15.04 0.32
CA PHE B 125 0.94 -14.33 1.44
C PHE B 125 -0.34 -15.06 1.82
N GLN B 126 -0.76 -14.90 3.07
CA GLN B 126 -2.03 -15.42 3.53
C GLN B 126 -3.12 -14.40 3.18
N LEU B 127 -4.08 -14.82 2.36
CA LEU B 127 -5.18 -13.97 1.94
C LEU B 127 -6.49 -14.50 2.51
N GLU B 128 -7.45 -13.59 2.65
CA GLU B 128 -8.77 -13.92 3.15
C GLU B 128 -9.80 -13.78 2.04
N LYS B 129 -10.87 -14.57 2.14
CA LYS B 129 -11.93 -14.50 1.14
C LYS B 129 -12.45 -13.08 1.02
N GLY B 130 -12.63 -12.63 -0.22
CA GLY B 130 -13.10 -11.29 -0.49
C GLY B 130 -12.00 -10.25 -0.58
N ASP B 131 -10.82 -10.53 -0.06
CA ASP B 131 -9.71 -9.61 -0.20
C ASP B 131 -9.50 -9.28 -1.67
N ARG B 132 -9.12 -8.03 -1.94
CA ARG B 132 -8.97 -7.52 -3.29
C ARG B 132 -7.49 -7.22 -3.54
N LEU B 133 -6.98 -7.70 -4.67
CA LEU B 133 -5.58 -7.53 -5.01
C LEU B 133 -5.45 -6.66 -6.25
N SER B 134 -4.48 -5.76 -6.23
CA SER B 134 -4.24 -4.84 -7.34
C SER B 134 -2.74 -4.76 -7.60
N ALA B 135 -2.37 -4.84 -8.88
CA ALA B 135 -1.01 -4.61 -9.34
C ALA B 135 -0.99 -3.27 -10.05
N GLU B 136 -0.16 -2.34 -9.57
CA GLU B 136 -0.17 -0.97 -10.03
C GLU B 136 1.25 -0.49 -10.32
N ILE B 137 1.33 0.59 -11.10
CA ILE B 137 2.57 1.28 -11.42
C ILE B 137 2.33 2.77 -11.23
N ASN B 138 3.42 3.54 -11.36
CA ASN B 138 3.34 4.98 -11.20
C ASN B 138 3.36 5.74 -12.52
N ARG B 139 4.02 5.21 -13.54
CA ARG B 139 4.21 5.90 -14.82
C ARG B 139 3.69 5.02 -15.95
N PRO B 140 2.37 4.92 -16.11
CA PRO B 140 1.83 4.18 -17.28
C PRO B 140 2.23 4.79 -18.61
N ASP B 141 2.72 6.03 -18.63
CA ASP B 141 3.15 6.64 -19.88
C ASP B 141 4.41 6.00 -20.44
N TYR B 142 5.09 5.13 -19.68
CA TYR B 142 6.23 4.39 -20.17
C TYR B 142 5.93 2.91 -20.35
N LEU B 143 4.67 2.49 -20.21
CA LEU B 143 4.33 1.10 -20.44
C LEU B 143 4.61 0.71 -21.89
N ASP B 144 4.88 -0.58 -22.08
CA ASP B 144 5.00 -1.14 -23.41
C ASP B 144 4.08 -2.33 -23.59
N PHE B 145 3.61 -2.51 -24.83
CA PHE B 145 2.72 -3.60 -25.18
C PHE B 145 3.24 -4.38 -26.39
N ALA B 146 4.50 -4.19 -26.78
CA ALA B 146 5.05 -4.96 -27.90
C ALA B 146 5.33 -6.39 -27.49
N GLU B 147 5.57 -6.64 -26.21
CA GLU B 147 5.79 -7.99 -25.69
C GLU B 147 4.50 -8.53 -25.09
N SER B 148 3.49 -8.66 -25.95
CA SER B 148 2.16 -9.06 -25.49
C SER B 148 2.22 -10.41 -24.81
N GLY B 149 1.74 -10.47 -23.57
CA GLY B 149 1.79 -11.65 -22.74
C GLY B 149 2.73 -11.53 -21.56
N GLN B 150 3.74 -10.67 -21.67
CA GLN B 150 4.73 -10.50 -20.62
C GLN B 150 4.42 -9.33 -19.69
N VAL B 151 3.24 -8.75 -19.79
CA VAL B 151 2.72 -7.80 -18.82
C VAL B 151 1.49 -8.47 -18.23
N TYR B 152 1.63 -9.04 -17.03
CA TYR B 152 0.61 -9.94 -16.49
C TYR B 152 0.42 -9.70 -15.00
N PHE B 153 -0.53 -10.43 -14.42
CA PHE B 153 -0.90 -10.29 -13.02
C PHE B 153 -1.72 -11.53 -12.68
N GLY B 154 -1.28 -12.29 -11.68
CA GLY B 154 -1.96 -13.53 -11.35
C GLY B 154 -1.82 -13.90 -9.88
N ILE B 155 -2.67 -14.84 -9.47
CA ILE B 155 -2.59 -15.44 -8.15
C ILE B 155 -2.80 -16.93 -8.28
N ILE B 156 -2.21 -17.69 -7.36
CA ILE B 156 -2.27 -19.14 -7.37
C ILE B 156 -2.43 -19.63 -5.94
N ALA B 157 -3.54 -20.31 -5.67
CA ALA B 157 -3.79 -20.84 -4.33
C ALA B 157 -2.90 -22.04 -4.06
N LEU B 158 -2.09 -21.95 -3.01
CA LEU B 158 -1.23 -23.06 -2.62
C LEU B 158 -2.08 -24.22 -2.10
N GLU C 1 -11.43 1.57 20.32
CA GLU C 1 -10.77 1.38 18.99
C GLU C 1 -9.26 1.37 19.15
N CYS C 2 -8.60 0.62 18.26
CA CYS C 2 -7.16 0.47 18.37
C CYS C 2 -6.45 1.78 18.12
N GLY C 3 -6.96 2.62 17.22
CA GLY C 3 -6.32 3.89 16.94
C GLY C 3 -6.41 4.87 18.10
N TRP C 4 -7.53 4.83 18.82
CA TRP C 4 -7.67 5.74 19.97
C TRP C 4 -6.83 5.29 21.15
N ARG C 5 -6.69 3.99 21.34
CA ARG C 5 -5.83 3.49 22.42
C ARG C 5 -4.38 3.93 22.21
N ILE C 6 -3.89 3.82 20.97
CA ILE C 6 -2.52 4.21 20.69
C ILE C 6 -2.31 5.69 21.00
N GLY C 7 -3.26 6.53 20.62
CA GLY C 7 -3.15 7.94 20.93
C GLY C 7 -3.01 8.18 22.42
N GLU C 8 -3.87 7.54 23.22
CA GLU C 8 -3.83 7.73 24.67
C GLU C 8 -2.48 7.31 25.24
N ALA C 9 -1.94 6.19 24.78
CA ALA C 9 -0.64 5.75 25.27
C ALA C 9 0.45 6.76 24.94
N GLY C 10 0.36 7.39 23.76
CA GLY C 10 1.36 8.37 23.38
C GLY C 10 1.41 9.58 24.31
N THR C 11 0.29 9.88 24.97
CA THR C 11 0.22 11.00 25.89
C THR C 11 0.30 10.58 27.35
N ASP C 12 0.32 9.28 27.64
CA ASP C 12 0.35 8.82 29.03
C ASP C 12 1.69 9.22 29.66
N PRO C 13 1.70 10.09 30.67
CA PRO C 13 2.99 10.51 31.24
C PRO C 13 3.67 9.43 32.07
N ASN C 14 2.96 8.37 32.44
CA ASN C 14 3.52 7.33 33.30
C ASN C 14 4.41 6.34 32.56
N LEU C 15 4.63 6.51 31.26
CA LEU C 15 5.33 5.54 30.43
C LEU C 15 6.57 6.18 29.82
N ASN C 16 7.74 5.57 30.06
CA ASN C 16 8.94 6.01 29.36
C ASN C 16 9.09 5.23 28.05
N HIS C 17 10.17 5.51 27.31
CA HIS C 17 10.29 4.97 25.96
C HIS C 17 10.26 3.45 25.96
N GLN C 18 10.82 2.81 26.98
CA GLN C 18 10.78 1.35 27.05
C GLN C 18 9.37 0.86 27.34
N GLN C 19 8.70 1.46 28.32
CA GLN C 19 7.35 1.00 28.66
C GLN C 19 6.35 1.39 27.59
N PHE C 20 6.57 2.52 26.92
CA PHE C 20 5.68 2.93 25.83
C PHE C 20 5.75 1.93 24.67
N ARG C 21 6.94 1.38 24.41
CA ARG C 21 7.06 0.39 23.34
C ARG C 21 6.27 -0.87 23.67
N ALA C 22 6.34 -1.34 24.91
CA ALA C 22 5.60 -2.53 25.30
C ALA C 22 4.10 -2.31 25.18
N LYS C 23 3.62 -1.14 25.61
CA LYS C 23 2.18 -0.87 25.57
C LYS C 23 1.67 -0.86 24.14
N ILE C 24 2.39 -0.20 23.23
CA ILE C 24 1.94 -0.15 21.84
C ILE C 24 2.01 -1.54 21.22
N LEU C 25 3.13 -2.23 21.38
CA LEU C 25 3.25 -3.58 20.82
C LEU C 25 2.16 -4.49 21.37
N SER C 26 1.74 -4.28 22.62
CA SER C 26 0.67 -5.10 23.20
C SER C 26 -0.67 -4.78 22.55
N ILE C 27 -0.97 -3.50 22.32
CA ILE C 27 -2.22 -3.13 21.67
C ILE C 27 -2.28 -3.71 20.27
N TRP C 28 -1.17 -3.64 19.53
CA TRP C 28 -1.18 -4.10 18.15
C TRP C 28 -1.42 -5.60 18.05
N GLU C 29 -0.96 -6.36 19.04
CA GLU C 29 -1.08 -7.81 18.96
C GLU C 29 -2.54 -8.26 19.02
N GLU C 30 -3.34 -7.65 19.88
CA GLU C 30 -4.75 -7.99 19.99
C GLU C 30 -5.63 -7.19 19.05
N CYS C 31 -5.04 -6.52 18.07
CA CYS C 31 -5.80 -5.72 17.12
C CYS C 31 -5.63 -6.22 15.69
N NH2 C 32 -4.40 -6.58 15.34
HN1 NH2 C 32 -4.22 -6.92 14.40
HN2 NH2 C 32 -3.64 -6.51 16.00
N SER D 10 14.47 -1.42 25.29
CA SER D 10 15.36 -0.34 25.70
C SER D 10 16.22 0.17 24.55
N ASP D 11 16.83 -0.78 23.84
CA ASP D 11 17.80 -0.48 22.80
C ASP D 11 17.17 -0.35 21.42
N LYS D 12 15.86 -0.52 21.31
CA LYS D 12 15.24 -0.56 19.98
C LYS D 12 14.60 0.78 19.63
N PRO D 13 14.72 1.21 18.38
CA PRO D 13 14.17 2.52 18.00
C PRO D 13 12.67 2.63 18.26
N VAL D 14 12.25 3.82 18.68
CA VAL D 14 10.84 4.11 18.90
C VAL D 14 10.62 5.59 18.57
N ALA D 15 9.48 5.90 17.97
CA ALA D 15 9.14 7.27 17.63
C ALA D 15 7.63 7.45 17.70
N HIS D 16 7.21 8.64 18.17
CA HIS D 16 5.78 8.95 18.28
C HIS D 16 5.67 10.48 18.29
N VAL D 17 5.30 11.05 17.15
CA VAL D 17 5.16 12.49 17.01
C VAL D 17 3.69 12.83 16.86
N VAL D 18 3.36 14.09 17.13
CA VAL D 18 1.99 14.58 17.04
C VAL D 18 1.97 15.77 16.08
N ALA D 19 0.77 16.05 15.55
CA ALA D 19 0.60 17.13 14.60
C ALA D 19 0.64 18.49 15.30
N ASN D 20 1.18 19.47 14.60
CA ASN D 20 1.23 20.83 15.13
C ASN D 20 -0.18 21.44 15.09
N PRO D 21 -0.83 21.64 16.24
CA PRO D 21 -2.20 22.18 16.20
C PRO D 21 -2.29 23.58 15.63
N GLN D 22 -1.20 24.33 15.64
CA GLN D 22 -1.18 25.68 15.10
C GLN D 22 -0.75 25.72 13.63
N ALA D 23 -0.54 24.56 13.01
CA ALA D 23 -0.18 24.49 11.60
C ALA D 23 -1.46 24.22 10.80
N GLU D 24 -2.20 25.30 10.56
CA GLU D 24 -3.49 25.21 9.87
C GLU D 24 -3.27 25.15 8.36
N GLY D 25 -3.97 24.24 7.70
CA GLY D 25 -3.76 24.00 6.29
C GLY D 25 -2.60 23.10 5.97
N GLN D 26 -2.18 22.26 6.91
CA GLN D 26 -1.04 21.37 6.71
C GLN D 26 -0.98 20.40 7.88
N LEU D 27 -0.38 19.24 7.63
CA LEU D 27 -0.18 18.21 8.64
C LEU D 27 1.31 18.18 8.97
N GLN D 28 1.70 18.96 9.97
CA GLN D 28 3.10 19.14 10.35
C GLN D 28 3.36 18.40 11.66
N TRP D 29 4.34 17.49 11.63
CA TRP D 29 4.70 16.71 12.81
C TRP D 29 5.77 17.43 13.62
N LEU D 30 5.61 17.40 14.95
CA LEU D 30 6.58 17.98 15.84
C LEU D 30 6.81 17.04 17.02
N ASN D 31 7.91 17.27 17.73
CA ASN D 31 8.25 16.51 18.93
C ASN D 31 8.49 17.44 20.10
N ARG D 32 7.53 18.34 20.35
CA ARG D 32 7.58 19.24 21.50
C ARG D 32 6.91 18.50 22.65
N ARG D 33 7.73 17.84 23.49
CA ARG D 33 7.24 17.09 24.65
C ARG D 33 5.94 16.39 24.29
N ALA D 34 4.88 16.63 25.06
CA ALA D 34 3.61 15.93 24.84
C ALA D 34 3.83 14.41 24.85
N ASN D 35 4.83 13.97 25.61
CA ASN D 35 5.25 12.57 25.64
C ASN D 35 5.48 12.02 24.24
N ALA D 36 5.86 12.90 23.31
CA ALA D 36 6.26 12.49 21.97
C ALA D 36 7.73 12.10 21.98
N LEU D 37 8.06 11.00 21.31
CA LEU D 37 9.36 10.36 21.45
C LEU D 37 10.11 10.31 20.13
N LEU D 38 11.45 10.36 20.22
CA LEU D 38 12.39 10.19 19.11
C LEU D 38 13.69 9.66 19.71
N ALA D 39 13.67 8.42 20.16
CA ALA D 39 14.77 7.82 20.89
C ALA D 39 15.41 6.68 20.09
N ASN D 40 16.71 6.46 20.34
CA ASN D 40 17.45 5.33 19.79
C ASN D 40 17.63 5.45 18.28
N GLY D 41 17.97 6.65 17.82
CA GLY D 41 18.35 6.84 16.43
C GLY D 41 17.30 7.46 15.54
N VAL D 42 16.04 7.10 15.73
CA VAL D 42 15.00 7.58 14.83
C VAL D 42 14.81 9.07 15.04
N GLU D 43 14.91 9.83 13.96
CA GLU D 43 14.81 11.28 14.01
C GLU D 43 13.76 11.77 13.03
N LEU D 44 13.29 12.99 13.27
CA LEU D 44 12.30 13.64 12.42
C LEU D 44 13.02 14.70 11.59
N ARG D 45 13.19 14.42 10.31
CA ARG D 45 13.86 15.32 9.37
C ARG D 45 12.91 15.62 8.23
N ASP D 46 12.58 16.90 8.06
CA ASP D 46 11.72 17.34 6.96
C ASP D 46 10.36 16.64 7.00
N ASN D 47 9.69 16.78 8.13
CA ASN D 47 8.33 16.26 8.32
C ASN D 47 8.25 14.77 8.00
N GLN D 48 9.37 14.06 8.12
CA GLN D 48 9.44 12.64 7.79
C GLN D 48 10.31 11.91 8.79
N LEU D 49 9.90 10.70 9.15
CA LEU D 49 10.63 9.87 10.10
C LEU D 49 11.70 9.08 9.37
N VAL D 50 12.92 9.10 9.89
CA VAL D 50 14.06 8.43 9.29
C VAL D 50 14.31 7.14 10.03
N VAL D 51 14.52 6.06 9.28
CA VAL D 51 14.79 4.76 9.90
C VAL D 51 16.27 4.65 10.22
N PRO D 52 16.64 4.43 11.49
CA PRO D 52 18.07 4.33 11.83
C PRO D 52 18.72 2.98 11.54
N SER D 53 17.98 1.90 11.70
CA SER D 53 18.51 0.55 11.55
C SER D 53 17.59 -0.27 10.67
N GLU D 54 18.12 -1.35 10.12
CA GLU D 54 17.36 -2.26 9.29
C GLU D 54 16.66 -3.29 10.17
N GLY D 55 15.41 -3.59 9.82
CA GLY D 55 14.65 -4.59 10.56
C GLY D 55 13.17 -4.38 10.37
N LEU D 56 12.40 -5.09 11.18
CA LEU D 56 10.95 -5.01 11.13
C LEU D 56 10.48 -3.89 12.05
N TYR D 57 9.59 -3.06 11.53
CA TYR D 57 9.02 -1.94 12.28
C TYR D 57 7.51 -1.99 12.21
N LEU D 58 6.85 -1.71 13.33
CA LEU D 58 5.43 -1.39 13.33
C LEU D 58 5.29 0.09 12.97
N ILE D 59 4.47 0.38 11.95
CA ILE D 59 4.25 1.72 11.44
C ILE D 59 2.78 2.05 11.60
N TYR D 60 2.49 3.23 12.16
CA TYR D 60 1.10 3.59 12.45
C TYR D 60 0.93 5.09 12.39
N SER D 61 -0.33 5.51 12.23
CA SER D 61 -0.69 6.91 12.16
C SER D 61 -2.21 7.04 12.27
N GLN D 62 -2.66 8.16 12.83
CA GLN D 62 -4.09 8.46 12.90
C GLN D 62 -4.32 9.93 12.63
N VAL D 63 -5.37 10.22 11.87
CA VAL D 63 -5.81 11.59 11.63
C VAL D 63 -7.29 11.67 11.96
N LEU D 64 -7.76 12.87 12.28
CA LEU D 64 -9.15 13.12 12.61
C LEU D 64 -9.71 14.20 11.71
N PHE D 65 -10.83 13.92 11.06
CA PHE D 65 -11.55 14.88 10.24
C PHE D 65 -12.89 15.22 10.88
N LYS D 66 -13.27 16.50 10.82
CA LYS D 66 -14.59 16.93 11.25
C LYS D 66 -15.19 17.89 10.23
N GLY D 67 -16.52 18.02 10.29
CA GLY D 67 -17.24 18.93 9.43
C GLY D 67 -18.57 19.29 10.04
N GLN D 68 -19.02 20.51 9.78
CA GLN D 68 -20.27 21.00 10.34
C GLN D 68 -21.49 20.43 9.62
N GLY D 69 -21.31 19.77 8.49
CA GLY D 69 -22.43 19.21 7.75
C GLY D 69 -21.97 18.70 6.41
N CYS D 70 -22.93 18.23 5.62
CA CYS D 70 -22.69 17.67 4.29
C CYS D 70 -23.49 18.44 3.26
N PRO D 71 -23.18 19.72 3.05
CA PRO D 71 -23.91 20.49 2.01
C PRO D 71 -23.65 19.97 0.61
N SER D 72 -22.49 19.38 0.35
CA SER D 72 -22.17 18.75 -0.91
C SER D 72 -21.69 17.33 -0.64
N THR D 73 -21.84 16.47 -1.65
CA THR D 73 -21.53 15.06 -1.50
C THR D 73 -20.16 14.75 -2.13
N HIS D 74 -19.83 13.46 -2.20
CA HIS D 74 -18.59 12.98 -2.79
C HIS D 74 -17.37 13.54 -2.06
N VAL D 75 -17.52 13.86 -0.77
CA VAL D 75 -16.38 14.24 0.05
C VAL D 75 -15.57 12.98 0.33
N LEU D 76 -14.33 12.95 -0.16
CA LEU D 76 -13.46 11.79 -0.02
C LEU D 76 -12.22 12.20 0.76
N LEU D 77 -11.98 11.52 1.87
CA LEU D 77 -10.86 11.80 2.75
C LEU D 77 -9.91 10.62 2.74
N THR D 78 -8.63 10.89 2.50
CA THR D 78 -7.61 9.85 2.45
C THR D 78 -6.51 10.14 3.44
N HIS D 79 -5.88 9.06 3.93
CA HIS D 79 -4.71 9.11 4.79
C HIS D 79 -3.74 8.06 4.28
N THR D 80 -2.47 8.44 4.11
CA THR D 80 -1.50 7.57 3.45
C THR D 80 -0.16 7.62 4.17
N ILE D 81 0.43 6.45 4.39
CA ILE D 81 1.80 6.31 4.90
C ILE D 81 2.64 5.75 3.76
N SER D 82 3.72 6.45 3.42
CA SER D 82 4.55 6.08 2.28
C SER D 82 6.01 5.99 2.69
N ARG D 83 6.77 5.20 1.95
CA ARG D 83 8.18 5.00 2.19
C ARG D 83 9.01 5.65 1.09
N ILE D 84 10.12 6.25 1.46
CA ILE D 84 11.09 6.83 0.52
C ILE D 84 12.42 6.14 0.78
N ALA D 85 12.80 5.22 -0.12
CA ALA D 85 14.06 4.50 0.03
C ALA D 85 15.23 5.47 0.04
N VAL D 86 16.28 5.11 0.77
CA VAL D 86 17.43 5.99 0.94
C VAL D 86 18.05 6.33 -0.42
N SER D 87 18.18 5.32 -1.30
CA SER D 87 18.80 5.54 -2.60
C SER D 87 17.80 6.16 -3.58
N TYR D 88 16.67 5.48 -3.78
CA TYR D 88 15.65 5.92 -4.73
C TYR D 88 14.72 6.90 -4.03
N GLN D 89 14.77 8.17 -4.44
CA GLN D 89 13.96 9.23 -3.83
C GLN D 89 12.64 9.31 -4.57
N THR D 90 11.66 8.57 -4.08
CA THR D 90 10.30 8.59 -4.61
C THR D 90 9.41 7.80 -3.67
N LYS D 91 8.15 8.23 -3.55
CA LYS D 91 7.26 7.69 -2.53
C LYS D 91 6.63 6.38 -2.99
N VAL D 92 6.66 5.38 -2.12
CA VAL D 92 5.98 4.11 -2.32
C VAL D 92 4.96 3.98 -1.20
N ASN D 93 3.69 3.87 -1.56
CA ASN D 93 2.63 3.77 -0.56
C ASN D 93 2.74 2.45 0.18
N LEU D 94 2.69 2.51 1.51
CA LEU D 94 2.65 1.33 2.35
C LEU D 94 1.28 1.07 2.94
N LEU D 95 0.61 2.11 3.41
CA LEU D 95 -0.73 2.01 3.99
C LEU D 95 -1.57 3.19 3.52
N SER D 96 -2.84 2.93 3.22
CA SER D 96 -3.74 4.02 2.87
C SER D 96 -5.17 3.57 3.09
N ALA D 97 -6.02 4.55 3.45
CA ALA D 97 -7.43 4.31 3.69
C ALA D 97 -8.21 5.52 3.20
N ILE D 98 -9.51 5.31 2.95
CA ILE D 98 -10.36 6.34 2.38
C ILE D 98 -11.72 6.31 3.07
N LYS D 99 -12.21 7.48 3.47
CA LYS D 99 -13.51 7.62 4.11
C LYS D 99 -14.34 8.66 3.37
N SER D 100 -15.65 8.49 3.42
CA SER D 100 -16.59 9.40 2.76
C SER D 100 -17.69 9.76 3.74
N PRO D 101 -17.58 10.89 4.45
CA PRO D 101 -18.66 11.28 5.38
C PRO D 101 -19.91 11.79 4.69
N CYS D 102 -19.82 12.22 3.44
CA CYS D 102 -20.93 12.86 2.73
C CYS D 102 -21.20 12.09 1.44
N GLN D 103 -21.77 10.90 1.58
CA GLN D 103 -22.06 10.09 0.41
C GLN D 103 -23.28 10.62 -0.34
N ARG D 104 -23.40 10.18 -1.60
CA ARG D 104 -24.52 10.60 -2.41
C ARG D 104 -25.84 10.13 -1.83
N GLU D 105 -25.87 8.94 -1.23
CA GLU D 105 -27.07 8.35 -0.66
C GLU D 105 -27.12 8.67 0.83
N THR D 106 -27.96 9.64 1.19
CA THR D 106 -28.14 10.05 2.57
C THR D 106 -29.55 10.55 2.75
N PRO D 107 -30.04 10.66 3.99
CA PRO D 107 -31.37 11.22 4.22
C PRO D 107 -31.53 12.61 3.59
N GLU D 108 -32.77 13.08 3.47
CA GLU D 108 -33.01 14.36 2.81
C GLU D 108 -32.37 15.51 3.59
N GLY D 109 -32.44 15.46 4.92
CA GLY D 109 -31.96 16.56 5.75
C GLY D 109 -30.76 16.21 6.60
N ALA D 110 -30.06 15.13 6.22
CA ALA D 110 -28.81 14.77 6.91
C ALA D 110 -27.66 15.68 6.54
N GLU D 111 -27.89 16.70 5.72
CA GLU D 111 -26.85 17.62 5.32
C GLU D 111 -26.50 18.63 6.40
N ALA D 112 -27.38 18.82 7.39
CA ALA D 112 -27.11 19.72 8.51
C ALA D 112 -26.45 19.02 9.69
N LYS D 113 -26.26 17.71 9.62
CA LYS D 113 -25.70 16.95 10.73
C LYS D 113 -24.19 16.99 10.67
N PRO D 114 -23.51 17.47 11.70
CA PRO D 114 -22.04 17.41 11.71
C PRO D 114 -21.56 15.97 11.58
N TRP D 115 -20.34 15.81 11.10
CA TRP D 115 -19.74 14.50 10.93
C TRP D 115 -18.35 14.49 11.55
N TYR D 116 -17.78 13.29 11.61
CA TYR D 116 -16.48 13.08 12.26
C TYR D 116 -15.94 11.76 11.73
N GLU D 117 -14.78 11.80 11.07
CA GLU D 117 -14.19 10.62 10.47
C GLU D 117 -12.75 10.45 10.92
N PRO D 118 -12.48 9.51 11.82
CA PRO D 118 -11.10 9.12 12.10
C PRO D 118 -10.58 8.15 11.05
N ILE D 119 -9.27 8.19 10.83
CA ILE D 119 -8.61 7.28 9.91
C ILE D 119 -7.32 6.83 10.59
N TYR D 120 -7.24 5.53 10.93
CA TYR D 120 -6.08 4.94 11.58
C TYR D 120 -5.45 3.93 10.63
N LEU D 121 -4.13 4.03 10.47
CA LEU D 121 -3.37 3.08 9.66
C LEU D 121 -2.32 2.41 10.53
N GLY D 122 -2.07 1.13 10.27
CA GLY D 122 -1.10 0.38 11.05
C GLY D 122 -0.68 -0.92 10.39
N GLY D 123 0.63 -1.20 10.41
CA GLY D 123 1.13 -2.43 9.82
C GLY D 123 2.61 -2.59 10.10
N VAL D 124 3.10 -3.81 9.86
CA VAL D 124 4.49 -4.15 10.07
C VAL D 124 5.16 -4.34 8.71
N PHE D 125 6.25 -3.62 8.49
CA PHE D 125 6.97 -3.65 7.24
C PHE D 125 8.47 -3.83 7.50
N GLN D 126 9.15 -4.43 6.53
CA GLN D 126 10.60 -4.55 6.59
C GLN D 126 11.20 -3.26 6.06
N LEU D 127 11.80 -2.47 6.95
CA LEU D 127 12.42 -1.22 6.57
C LEU D 127 13.93 -1.37 6.56
N GLU D 128 14.59 -0.36 6.00
CA GLU D 128 16.03 -0.37 5.81
C GLU D 128 16.62 0.92 6.33
N LYS D 129 17.90 0.86 6.69
CA LYS D 129 18.62 2.05 7.13
C LYS D 129 18.47 3.17 6.10
N GLY D 130 17.98 4.32 6.55
CA GLY D 130 17.85 5.49 5.72
C GLY D 130 16.47 5.73 5.16
N ASP D 131 15.62 4.70 5.12
CA ASP D 131 14.26 4.88 4.64
C ASP D 131 13.57 6.00 5.38
N ARG D 132 12.82 6.82 4.66
CA ARG D 132 12.10 7.95 5.22
C ARG D 132 10.61 7.74 5.03
N LEU D 133 9.85 7.91 6.11
CA LEU D 133 8.41 7.67 6.11
C LEU D 133 7.66 8.99 6.26
N SER D 134 6.58 9.13 5.50
CA SER D 134 5.73 10.31 5.55
C SER D 134 4.29 9.88 5.75
N ALA D 135 3.54 10.68 6.52
CA ALA D 135 2.12 10.44 6.78
C ALA D 135 1.36 11.67 6.30
N GLU D 136 0.54 11.50 5.26
CA GLU D 136 -0.08 12.62 4.58
C GLU D 136 -1.56 12.38 4.37
N ILE D 137 -2.28 13.47 4.09
CA ILE D 137 -3.71 13.45 3.86
C ILE D 137 -4.00 14.35 2.65
N ASN D 138 -5.23 14.25 2.15
CA ASN D 138 -5.62 15.04 0.99
C ASN D 138 -6.43 16.28 1.33
N ARG D 139 -7.08 16.33 2.50
CA ARG D 139 -7.93 17.45 2.89
C ARG D 139 -7.44 18.03 4.21
N PRO D 140 -6.33 18.77 4.19
CA PRO D 140 -5.83 19.38 5.44
C PRO D 140 -6.77 20.43 6.02
N ASP D 141 -7.70 20.97 5.24
CA ASP D 141 -8.62 21.98 5.75
C ASP D 141 -9.72 21.39 6.62
N TYR D 142 -9.88 20.07 6.65
CA TYR D 142 -10.84 19.40 7.51
C TYR D 142 -10.19 18.73 8.72
N LEU D 143 -8.89 18.95 8.92
CA LEU D 143 -8.21 18.32 10.04
C LEU D 143 -8.71 18.91 11.36
N ASP D 144 -8.94 18.03 12.32
CA ASP D 144 -9.27 18.47 13.66
C ASP D 144 -8.09 18.30 14.59
N PHE D 145 -7.80 19.32 15.39
CA PHE D 145 -6.75 19.28 16.40
C PHE D 145 -7.30 19.32 17.81
N ALA D 146 -8.63 19.33 17.98
CA ALA D 146 -9.20 19.45 19.31
C ALA D 146 -8.82 18.27 20.20
N GLU D 147 -8.73 17.07 19.63
CA GLU D 147 -8.42 15.86 20.41
C GLU D 147 -6.91 15.82 20.62
N SER D 148 -6.47 16.27 21.81
CA SER D 148 -5.05 16.34 22.10
C SER D 148 -4.41 14.95 22.01
N GLY D 149 -3.39 14.83 21.17
CA GLY D 149 -2.61 13.62 21.08
C GLY D 149 -3.14 12.55 20.15
N GLN D 150 -4.34 12.71 19.61
CA GLN D 150 -4.97 11.69 18.78
C GLN D 150 -4.67 11.86 17.30
N VAL D 151 -3.88 12.85 16.93
CA VAL D 151 -3.37 13.00 15.56
C VAL D 151 -1.87 12.74 15.66
N TYR D 152 -1.45 11.53 15.31
CA TYR D 152 -0.09 11.09 15.60
C TYR D 152 0.48 10.26 14.46
N PHE D 153 1.80 10.09 14.51
CA PHE D 153 2.56 9.33 13.52
C PHE D 153 3.76 8.74 14.25
N GLY D 154 3.98 7.44 14.10
CA GLY D 154 5.08 6.81 14.82
C GLY D 154 5.50 5.50 14.19
N ILE D 155 6.64 5.01 14.68
CA ILE D 155 7.18 3.71 14.27
C ILE D 155 7.85 3.07 15.48
N ILE D 156 7.81 1.75 15.53
CA ILE D 156 8.35 0.98 16.66
C ILE D 156 9.05 -0.25 16.09
N ALA D 157 10.33 -0.40 16.41
CA ALA D 157 11.10 -1.56 15.97
C ALA D 157 10.70 -2.79 16.77
N LEU D 158 10.40 -3.88 16.08
CA LEU D 158 10.10 -5.15 16.74
C LEU D 158 11.41 -5.79 17.21
#